data_7UT3
#
_entry.id   7UT3
#
_cell.length_a   132.594
_cell.length_b   132.594
_cell.length_c   169.054
_cell.angle_alpha   90.000
_cell.angle_beta   90.000
_cell.angle_gamma   120.000
#
_symmetry.space_group_name_H-M   'P 61 2 2'
#
loop_
_entity.id
_entity.type
_entity.pdbx_description
1 polymer 'Fab protein heavy chain'
2 polymer 'G10C Light chain'
3 non-polymer 2-AMINO-2-HYDROXYMETHYL-PROPANE-1,3-DIOL
4 non-polymer '4-nitrophenyl 2-acetamido-2-deoxy-alpha-D-galactopyranoside'
5 water water
#
loop_
_entity_poly.entity_id
_entity_poly.type
_entity_poly.pdbx_seq_one_letter_code
_entity_poly.pdbx_strand_id
1 'polypeptide(L)'
;EVKLVESGGVLVKPGGSLKLSCAASGFTFRNYDMSWVRQTPEKRLEWVASISGGYTTYYPDIMRGRFTISRDNVRNILYL
EMRSLRSEDTAMYYCARNYGHDAMDYWGQGTSVTVSSAKTTAPSVYPLAPVCGDTTGSSVTLGCLVKGYFPEPVTLTWNS
GSLSSGVHTFPAVLQSDLYTLSSSVTVTSSTWPSQSITCNVAHPASSTKVDKKIEPR
;
H
2 'polypeptide(L)'
;QIVLTQSPAIMSASPGEKVTLTCSASSGIGFIHWYQQKPGTSPKRWIYDTSILASGVPARFSGSGSETSYSLTITIMEAE
DAATYYCHQRSSYPTFGGGTKLEIKRADAAPTVSIFPPSSEQLTSGGASVVCFLNNFYPKDINVKWKIDGSERQNGVLNS
WTDQDSKDSTYSMSSTLTLTKDEYERHNSYTCEATHKTSTSPIVKSFNRNEC
;
L
#
# COMPACT_ATOMS: atom_id res chain seq x y z
N GLU A 1 2.61 24.53 13.05
CA GLU A 1 2.82 24.26 11.60
C GLU A 1 4.21 23.67 11.37
N VAL A 2 4.64 22.72 12.20
CA VAL A 2 5.94 22.01 11.97
C VAL A 2 5.74 21.21 10.69
N LYS A 3 6.50 21.56 9.64
CA LYS A 3 6.42 20.92 8.30
C LYS A 3 7.80 20.34 7.97
N LEU A 4 7.81 19.13 7.40
CA LEU A 4 9.00 18.49 6.78
C LEU A 4 8.59 18.03 5.38
N VAL A 5 9.37 18.29 4.35
CA VAL A 5 8.95 18.07 2.92
C VAL A 5 10.12 17.50 2.10
N GLU A 6 10.07 16.20 1.85
CA GLU A 6 11.12 15.46 1.15
C GLU A 6 11.02 15.66 -0.36
N SER A 7 12.14 15.45 -1.07
CA SER A 7 12.35 15.83 -2.50
C SER A 7 13.36 14.90 -3.17
N GLY A 8 13.15 14.64 -4.47
CA GLY A 8 14.15 14.12 -5.41
C GLY A 8 14.25 12.60 -5.40
N GLY A 9 13.20 11.91 -4.96
CA GLY A 9 13.07 10.44 -5.08
C GLY A 9 12.72 10.05 -6.51
N VAL A 10 13.42 9.09 -7.10
CA VAL A 10 13.35 8.75 -8.55
C VAL A 10 13.73 7.29 -8.77
N LEU A 11 13.86 6.90 -10.06
CA LEU A 11 14.53 5.66 -10.53
C LEU A 11 15.97 6.01 -10.92
N VAL A 12 16.96 5.22 -10.46
CA VAL A 12 18.37 5.25 -10.97
C VAL A 12 18.95 3.83 -10.86
N LYS A 13 19.90 3.49 -11.75
CA LYS A 13 20.40 2.10 -11.92
C LYS A 13 21.27 1.70 -10.73
N PRO A 14 21.31 0.39 -10.38
CA PRO A 14 22.26 -0.12 -9.39
C PRO A 14 23.70 0.37 -9.60
N GLY A 15 24.20 1.18 -8.67
CA GLY A 15 25.58 1.71 -8.69
C GLY A 15 25.63 3.24 -8.80
N GLY A 16 24.52 3.86 -9.20
CA GLY A 16 24.39 5.33 -9.33
C GLY A 16 24.07 5.97 -7.99
N SER A 17 24.34 7.27 -7.87
CA SER A 17 24.12 8.09 -6.65
C SER A 17 22.84 8.91 -6.79
N LEU A 18 22.45 9.60 -5.72
CA LEU A 18 21.20 10.41 -5.63
C LEU A 18 21.22 11.26 -4.34
N LYS A 19 20.75 12.51 -4.42
CA LYS A 19 20.63 13.46 -3.28
C LYS A 19 19.16 13.70 -2.95
N LEU A 20 18.76 13.45 -1.69
CA LEU A 20 17.41 13.75 -1.16
C LEU A 20 17.47 15.05 -0.33
N SER A 21 16.61 16.01 -0.65
CA SER A 21 16.42 17.28 0.08
C SER A 21 15.14 17.17 0.91
N CYS A 22 15.25 17.28 2.24
CA CYS A 22 14.11 17.44 3.19
C CYS A 22 14.12 18.89 3.70
N ALA A 23 13.02 19.61 3.54
CA ALA A 23 12.92 21.07 3.76
C ALA A 23 12.02 21.34 4.96
N ALA A 24 12.58 21.86 6.06
CA ALA A 24 11.90 22.07 7.36
C ALA A 24 11.40 23.51 7.47
N SER A 25 10.34 23.68 8.26
CA SER A 25 9.55 24.94 8.46
C SER A 25 8.69 24.77 9.72
N GLY A 26 8.45 25.85 10.47
CA GLY A 26 7.47 25.90 11.58
C GLY A 26 8.06 25.50 12.92
N PHE A 27 9.40 25.48 13.03
CA PHE A 27 10.16 25.16 14.27
C PHE A 27 11.61 25.58 14.06
N THR A 28 12.33 25.98 15.11
CA THR A 28 13.77 26.38 14.98
C THR A 28 14.56 25.11 14.65
N PHE A 29 14.88 24.93 13.37
CA PHE A 29 15.54 23.73 12.82
C PHE A 29 16.81 23.42 13.61
N ARG A 30 17.64 24.44 13.84
CA ARG A 30 18.98 24.21 14.34
C ARG A 30 19.03 23.63 15.74
N ASN A 31 17.87 23.60 16.41
CA ASN A 31 17.71 23.12 17.79
C ASN A 31 17.34 21.64 17.82
N TYR A 32 17.08 21.04 16.67
CA TYR A 32 16.53 19.67 16.55
C TYR A 32 17.55 18.77 15.85
N ASP A 33 17.64 17.52 16.30
CA ASP A 33 18.42 16.51 15.61
C ASP A 33 17.51 15.87 14.56
N MET A 34 18.03 15.75 13.34
CA MET A 34 17.27 15.25 12.16
C MET A 34 17.78 13.86 11.76
N SER A 35 16.86 13.01 11.28
CA SER A 35 17.09 11.59 10.93
C SER A 35 16.45 11.27 9.57
N TRP A 36 17.02 10.32 8.84
CA TRP A 36 16.34 9.62 7.73
C TRP A 36 15.95 8.22 8.19
N VAL A 37 14.69 7.83 7.96
CA VAL A 37 14.16 6.46 8.21
C VAL A 37 13.43 6.04 6.93
N ARG A 38 13.77 4.87 6.38
CA ARG A 38 13.19 4.39 5.15
C ARG A 38 12.29 3.20 5.45
N GLN A 39 11.22 3.09 4.65
CA GLN A 39 10.25 1.97 4.74
C GLN A 39 10.31 1.19 3.41
N THR A 40 10.63 -0.11 3.49
CA THR A 40 10.75 -1.02 2.33
C THR A 40 9.34 -1.28 1.80
N PRO A 41 9.18 -1.71 0.53
CA PRO A 41 7.85 -2.02 -0.03
C PRO A 41 7.02 -2.99 0.82
N GLU A 42 7.69 -3.80 1.64
CA GLU A 42 7.05 -4.77 2.53
C GLU A 42 6.86 -4.23 3.97
N LYS A 43 7.05 -2.91 4.12
CA LYS A 43 6.58 -2.08 5.27
C LYS A 43 7.49 -2.25 6.49
N ARG A 44 8.74 -2.70 6.30
CA ARG A 44 9.69 -2.78 7.40
C ARG A 44 10.41 -1.43 7.48
N LEU A 45 10.37 -0.81 8.67
CA LEU A 45 11.00 0.51 8.97
C LEU A 45 12.48 0.30 9.32
N GLU A 46 13.37 1.13 8.75
CA GLU A 46 14.79 0.97 8.93
C GLU A 46 15.45 2.34 9.06
N TRP A 47 16.07 2.59 10.21
CA TRP A 47 16.87 3.82 10.48
C TRP A 47 18.06 3.82 9.53
N VAL A 48 18.33 4.97 8.91
CA VAL A 48 19.36 5.14 7.85
C VAL A 48 20.48 6.02 8.38
N ALA A 49 20.15 7.19 8.91
CA ALA A 49 21.11 8.09 9.58
C ALA A 49 20.39 9.16 10.42
N SER A 50 21.18 9.88 11.20
CA SER A 50 20.74 10.95 12.13
C SER A 50 21.91 11.91 12.33
N ILE A 51 21.65 13.22 12.23
CA ILE A 51 22.65 14.30 12.44
C ILE A 51 22.20 15.20 13.59
N SER A 52 23.13 15.47 14.51
CA SER A 52 22.97 16.35 15.70
C SER A 52 22.61 17.77 15.27
N GLY A 53 21.98 18.53 16.16
CA GLY A 53 21.95 20.01 16.09
C GLY A 53 23.36 20.53 15.90
N GLY A 54 24.33 19.94 16.62
CA GLY A 54 25.76 20.30 16.59
C GLY A 54 26.55 19.59 15.49
N TYR A 55 25.87 19.10 14.45
CA TYR A 55 26.46 18.59 13.17
C TYR A 55 27.15 17.23 13.36
N THR A 56 27.05 16.60 14.53
CA THR A 56 27.52 15.20 14.78
C THR A 56 26.62 14.20 14.03
N THR A 57 27.20 13.40 13.14
CA THR A 57 26.48 12.35 12.37
C THR A 57 26.45 11.05 13.18
N TYR A 58 25.39 10.27 13.06
CA TYR A 58 25.28 8.89 13.58
C TYR A 58 24.82 7.99 12.44
N TYR A 59 25.44 6.81 12.29
CA TYR A 59 25.09 5.78 11.26
C TYR A 59 25.19 4.39 11.87
N PRO A 60 24.37 3.41 11.41
CA PRO A 60 24.61 2.00 11.68
C PRO A 60 25.66 1.50 10.68
N ASP A 61 26.23 0.32 10.92
CA ASP A 61 27.43 -0.11 10.19
C ASP A 61 27.16 -0.42 8.71
N ILE A 62 25.95 -0.90 8.41
CA ILE A 62 25.50 -1.28 7.03
C ILE A 62 25.29 -0.01 6.19
N MET A 63 25.00 1.11 6.86
CA MET A 63 24.68 2.41 6.18
C MET A 63 25.95 3.27 6.06
N ARG A 64 26.96 3.07 6.92
CA ARG A 64 28.19 3.82 6.82
C ARG A 64 28.93 3.43 5.54
N GLY A 65 29.52 4.43 4.88
CA GLY A 65 30.23 4.28 3.60
C GLY A 65 29.40 4.79 2.44
N ARG A 66 28.13 4.37 2.36
CA ARG A 66 27.29 4.67 1.21
C ARG A 66 26.28 5.81 1.40
N PHE A 67 26.14 6.29 2.64
CA PHE A 67 25.17 7.35 3.02
C PHE A 67 25.89 8.46 3.79
N THR A 68 25.50 9.71 3.52
CA THR A 68 26.02 10.93 4.19
C THR A 68 24.84 11.83 4.60
N ILE A 69 24.48 11.81 5.88
CA ILE A 69 23.51 12.75 6.51
C ILE A 69 24.23 14.10 6.63
N SER A 70 23.54 15.22 6.37
CA SER A 70 24.11 16.60 6.43
C SER A 70 22.98 17.63 6.51
N ARG A 71 23.24 18.80 7.10
CA ARG A 71 22.21 19.84 7.25
C ARG A 71 22.67 21.25 6.91
N ASP A 72 21.76 22.03 6.33
CA ASP A 72 21.90 23.48 6.21
C ASP A 72 21.04 24.09 7.30
N ASN A 73 21.70 24.73 8.28
CA ASN A 73 21.05 25.28 9.49
C ASN A 73 20.50 26.68 9.20
N VAL A 74 20.89 27.31 8.08
CA VAL A 74 20.53 28.72 7.76
C VAL A 74 19.29 28.73 6.85
N ARG A 75 19.30 27.98 5.74
CA ARG A 75 18.11 27.80 4.90
C ARG A 75 17.30 26.61 5.32
N ASN A 76 17.39 26.24 6.60
CA ASN A 76 16.85 24.99 7.20
C ASN A 76 16.53 23.96 6.11
N ILE A 77 17.48 23.08 5.79
CA ILE A 77 17.32 21.89 4.91
C ILE A 77 18.13 20.72 5.49
N LEU A 78 17.64 19.48 5.33
CA LEU A 78 18.39 18.22 5.61
C LEU A 78 18.66 17.47 4.31
N TYR A 79 19.82 16.82 4.21
CA TYR A 79 20.36 16.19 2.98
C TYR A 79 20.83 14.76 3.27
N LEU A 80 20.43 13.82 2.42
CA LEU A 80 20.98 12.45 2.37
C LEU A 80 21.62 12.25 1.00
N GLU A 81 22.94 12.08 0.95
CA GLU A 81 23.65 11.67 -0.26
C GLU A 81 23.77 10.17 -0.19
N MET A 82 23.11 9.49 -1.14
CA MET A 82 23.13 8.02 -1.32
C MET A 82 24.03 7.72 -2.52
N ARG A 83 25.01 6.81 -2.36
CA ARG A 83 25.90 6.44 -3.44
C ARG A 83 26.01 4.93 -3.57
N SER A 84 26.11 4.45 -4.82
CA SER A 84 26.24 3.02 -5.19
C SER A 84 25.06 2.25 -4.59
N LEU A 85 23.91 2.28 -5.27
CA LEU A 85 22.60 1.78 -4.75
C LEU A 85 22.42 0.29 -5.09
N ARG A 86 21.81 -0.45 -4.16
CA ARG A 86 21.36 -1.82 -4.35
C ARG A 86 19.84 -1.78 -4.45
N SER A 87 19.23 -2.91 -4.86
CA SER A 87 17.76 -3.11 -4.87
C SER A 87 17.22 -3.01 -3.43
N GLU A 88 18.06 -3.28 -2.44
CA GLU A 88 17.69 -3.13 -1.03
C GLU A 88 17.39 -1.68 -0.65
N ASP A 89 18.07 -0.74 -1.33
CA ASP A 89 17.92 0.71 -1.08
C ASP A 89 16.63 1.32 -1.65
N THR A 90 15.76 0.46 -2.18
CA THR A 90 14.41 0.82 -2.71
C THR A 90 13.43 0.89 -1.54
N ALA A 91 12.83 2.06 -1.29
CA ALA A 91 11.97 2.34 -0.11
C ALA A 91 11.40 3.77 -0.18
N MET A 92 10.42 4.08 0.68
CA MET A 92 10.07 5.45 1.08
C MET A 92 11.21 5.97 1.96
N TYR A 93 11.67 7.21 1.75
CA TYR A 93 12.70 7.87 2.60
C TYR A 93 12.05 9.06 3.31
N TYR A 94 11.68 8.87 4.58
CA TYR A 94 11.13 9.89 5.49
C TYR A 94 12.28 10.58 6.24
N CYS A 95 12.31 11.92 6.28
CA CYS A 95 13.10 12.69 7.29
C CYS A 95 12.18 12.91 8.50
N ALA A 96 12.76 12.97 9.70
CA ALA A 96 12.02 13.15 10.98
C ALA A 96 12.91 13.82 12.03
N ARG A 97 12.32 14.42 13.05
CA ARG A 97 13.06 15.15 14.05
C ARG A 97 12.85 14.63 15.45
N ASN A 98 13.94 14.58 16.21
CA ASN A 98 13.94 14.36 17.67
C ASN A 98 14.64 15.54 18.35
N TYR A 99 14.20 15.88 19.55
CA TYR A 99 14.89 16.84 20.43
C TYR A 99 15.60 16.04 21.53
N GLY A 100 16.94 16.01 21.50
CA GLY A 100 17.78 15.53 22.60
C GLY A 100 17.65 14.06 22.87
N HIS A 101 17.48 13.69 24.14
CA HIS A 101 17.22 12.30 24.60
C HIS A 101 15.95 11.74 23.94
N ASP A 102 15.02 12.62 23.56
CA ASP A 102 13.69 12.22 23.11
C ASP A 102 13.67 11.53 21.75
N ALA A 103 12.65 10.70 21.56
CA ALA A 103 12.41 9.94 20.31
C ALA A 103 11.80 10.87 19.26
N MET A 104 11.96 10.49 17.99
CA MET A 104 11.42 11.22 16.81
C MET A 104 9.96 11.58 17.06
N ASP A 105 9.60 12.85 16.86
CA ASP A 105 8.26 13.32 17.21
C ASP A 105 7.42 13.68 16.01
N TYR A 106 8.05 13.85 14.84
CA TYR A 106 7.34 14.28 13.62
C TYR A 106 8.12 13.89 12.37
N TRP A 107 7.46 13.17 11.45
CA TRP A 107 8.02 12.66 10.17
C TRP A 107 7.40 13.40 8.99
N GLY A 108 8.23 13.81 8.03
CA GLY A 108 7.74 14.25 6.70
C GLY A 108 6.93 13.14 6.07
N GLN A 109 6.37 13.39 4.88
CA GLN A 109 5.51 12.40 4.17
C GLN A 109 6.36 11.53 3.25
N GLY A 110 7.64 11.85 3.09
CA GLY A 110 8.64 10.97 2.47
C GLY A 110 8.66 11.10 0.97
N THR A 111 9.85 10.99 0.37
CA THR A 111 10.08 10.91 -1.09
C THR A 111 10.37 9.45 -1.41
N SER A 112 9.96 8.99 -2.60
CA SER A 112 9.97 7.56 -3.00
C SER A 112 11.16 7.27 -3.91
N VAL A 113 12.03 6.35 -3.51
CA VAL A 113 13.21 5.87 -4.29
C VAL A 113 12.94 4.43 -4.74
N THR A 114 13.09 4.18 -6.04
CA THR A 114 13.13 2.83 -6.67
C THR A 114 14.45 2.73 -7.45
N VAL A 115 15.24 1.67 -7.21
CA VAL A 115 16.55 1.43 -7.89
C VAL A 115 16.49 0.06 -8.56
N SER A 116 16.42 0.03 -9.88
CA SER A 116 16.36 -1.21 -10.71
C SER A 116 16.83 -0.90 -12.15
N SER A 117 17.14 -1.96 -12.91
CA SER A 117 17.69 -1.90 -14.29
C SER A 117 16.57 -1.81 -15.33
N ALA A 118 15.30 -1.80 -14.89
CA ALA A 118 14.12 -1.59 -15.76
C ALA A 118 14.07 -0.12 -16.21
N LYS A 119 13.27 0.16 -17.25
CA LYS A 119 13.26 1.47 -17.97
C LYS A 119 11.85 2.07 -17.94
N THR A 120 11.76 3.41 -17.95
CA THR A 120 10.50 4.20 -18.06
C THR A 120 9.68 3.65 -19.24
N THR A 121 8.85 2.64 -18.98
CA THR A 121 7.84 2.11 -19.92
C THR A 121 6.47 2.67 -19.53
N ALA A 122 5.75 3.28 -20.49
CA ALA A 122 4.42 3.90 -20.26
C ALA A 122 3.38 2.81 -20.03
N PRO A 123 2.30 3.09 -19.28
CA PRO A 123 1.18 2.14 -19.14
C PRO A 123 0.34 2.04 -20.42
N SER A 124 -0.45 0.96 -20.53
CA SER A 124 -1.49 0.77 -21.56
C SER A 124 -2.87 0.69 -20.89
N VAL A 125 -3.90 1.22 -21.55
CA VAL A 125 -5.25 1.46 -20.96
C VAL A 125 -6.27 0.58 -21.69
N TYR A 126 -7.02 -0.22 -20.92
CA TYR A 126 -8.19 -1.02 -21.38
C TYR A 126 -9.28 -1.00 -20.33
N PRO A 127 -10.55 -0.71 -20.69
CA PRO A 127 -11.67 -0.81 -19.75
C PRO A 127 -12.25 -2.24 -19.69
N LEU A 128 -13.25 -2.48 -18.84
CA LEU A 128 -13.87 -3.82 -18.61
C LEU A 128 -15.38 -3.65 -18.37
N ALA A 129 -16.20 -3.99 -19.38
CA ALA A 129 -17.69 -3.95 -19.34
C ALA A 129 -18.25 -5.33 -19.67
N PRO A 130 -19.09 -5.93 -18.79
CA PRO A 130 -19.54 -7.31 -18.97
C PRO A 130 -20.87 -7.52 -19.70
N VAL A 131 -21.76 -6.50 -19.64
CA VAL A 131 -23.24 -6.65 -19.80
C VAL A 131 -23.62 -6.48 -21.28
N CYS A 132 -24.35 -7.45 -21.82
CA CYS A 132 -24.91 -7.47 -23.20
C CYS A 132 -26.44 -7.58 -23.15
N GLY A 133 -27.04 -7.36 -21.97
CA GLY A 133 -28.49 -7.52 -21.71
C GLY A 133 -28.78 -8.43 -20.53
N ASP A 134 -27.75 -9.06 -19.94
CA ASP A 134 -27.89 -9.96 -18.79
C ASP A 134 -27.17 -9.40 -17.56
N THR A 135 -27.53 -9.92 -16.37
CA THR A 135 -27.27 -9.32 -15.02
C THR A 135 -27.40 -7.79 -15.13
N THR A 136 -28.51 -7.34 -15.73
CA THR A 136 -28.92 -5.92 -15.84
C THR A 136 -29.98 -5.67 -14.76
N GLY A 137 -29.77 -6.23 -13.56
CA GLY A 137 -30.75 -6.31 -12.46
C GLY A 137 -30.51 -5.26 -11.40
N SER A 138 -30.12 -5.68 -10.19
CA SER A 138 -29.91 -4.82 -8.99
C SER A 138 -28.92 -3.69 -9.34
N SER A 139 -27.66 -4.05 -9.62
CA SER A 139 -26.52 -3.13 -9.87
C SER A 139 -25.61 -3.76 -10.93
N VAL A 140 -24.57 -3.03 -11.36
CA VAL A 140 -23.51 -3.53 -12.29
C VAL A 140 -22.16 -2.92 -11.87
N THR A 141 -21.07 -3.66 -12.09
CA THR A 141 -19.68 -3.22 -11.83
C THR A 141 -18.98 -2.95 -13.16
N LEU A 142 -18.25 -1.83 -13.26
CA LEU A 142 -17.35 -1.48 -14.39
C LEU A 142 -15.90 -1.64 -13.92
N GLY A 143 -14.96 -1.76 -14.86
CA GLY A 143 -13.52 -1.99 -14.57
C GLY A 143 -12.61 -1.14 -15.43
N CYS A 144 -11.38 -0.92 -14.95
N CYS A 144 -11.40 -0.87 -14.92
CA CYS A 144 -10.33 -0.07 -15.59
CA CYS A 144 -10.33 -0.12 -15.62
C CYS A 144 -8.95 -0.68 -15.29
C CYS A 144 -8.97 -0.75 -15.27
N LEU A 145 -8.39 -1.47 -16.22
CA LEU A 145 -7.10 -2.19 -16.04
C LEU A 145 -5.97 -1.46 -16.79
N VAL A 146 -4.84 -1.27 -16.09
CA VAL A 146 -3.57 -0.71 -16.63
C VAL A 146 -2.49 -1.79 -16.51
N LYS A 147 -1.79 -2.08 -17.61
CA LYS A 147 -0.83 -3.21 -17.69
C LYS A 147 0.54 -2.70 -18.16
N GLY A 148 1.60 -3.24 -17.56
CA GLY A 148 3.01 -3.04 -17.96
C GLY A 148 3.41 -1.57 -17.97
N TYR A 149 3.69 -1.00 -16.79
CA TYR A 149 4.28 0.35 -16.63
C TYR A 149 5.47 0.27 -15.67
N PHE A 150 6.36 1.28 -15.74
CA PHE A 150 7.55 1.42 -14.86
C PHE A 150 8.05 2.86 -14.93
N PRO A 151 8.44 3.48 -13.79
CA PRO A 151 8.35 2.87 -12.47
C PRO A 151 6.96 3.03 -11.81
N GLU A 152 6.85 2.64 -10.53
CA GLU A 152 5.68 2.95 -9.72
C GLU A 152 5.89 4.32 -9.09
N PRO A 153 4.82 4.97 -8.55
CA PRO A 153 3.44 4.49 -8.64
C PRO A 153 2.67 5.21 -9.76
N VAL A 154 1.41 4.85 -9.95
CA VAL A 154 0.45 5.54 -10.86
C VAL A 154 -0.80 5.91 -10.06
N THR A 155 -1.43 7.04 -10.41
CA THR A 155 -2.64 7.59 -9.73
C THR A 155 -3.76 7.64 -10.76
N LEU A 156 -4.98 7.24 -10.35
CA LEU A 156 -6.19 7.18 -11.22
C LEU A 156 -7.30 8.04 -10.61
N THR A 157 -8.45 8.11 -11.29
CA THR A 157 -9.71 8.71 -10.80
C THR A 157 -10.89 8.12 -11.58
N TRP A 158 -12.11 8.29 -11.08
CA TRP A 158 -13.38 7.97 -11.79
C TRP A 158 -14.16 9.27 -12.00
N ASN A 159 -14.21 9.76 -13.25
CA ASN A 159 -14.87 11.03 -13.68
C ASN A 159 -14.27 12.21 -12.88
N SER A 160 -12.95 12.24 -12.76
CA SER A 160 -12.14 13.30 -12.10
C SER A 160 -12.66 13.60 -10.67
N GLY A 161 -12.99 12.55 -9.90
CA GLY A 161 -13.26 12.65 -8.45
C GLY A 161 -14.66 12.19 -8.06
N SER A 162 -15.58 12.08 -9.01
CA SER A 162 -17.02 11.76 -8.80
C SER A 162 -17.22 10.73 -7.68
N LEU A 163 -16.86 9.47 -7.94
CA LEU A 163 -17.30 8.26 -7.17
C LEU A 163 -16.33 7.98 -6.01
N SER A 164 -16.86 8.01 -4.77
CA SER A 164 -16.14 7.74 -3.50
C SER A 164 -16.50 6.34 -3.00
N SER A 165 -17.81 6.09 -2.85
CA SER A 165 -18.37 4.77 -2.48
C SER A 165 -18.33 3.84 -3.71
N GLY A 166 -18.02 2.57 -3.50
CA GLY A 166 -18.12 1.50 -4.53
C GLY A 166 -16.84 1.33 -5.33
N VAL A 167 -16.03 2.39 -5.45
CA VAL A 167 -14.72 2.34 -6.15
C VAL A 167 -13.78 1.41 -5.36
N HIS A 168 -13.12 0.50 -6.07
CA HIS A 168 -11.96 -0.30 -5.61
C HIS A 168 -10.82 -0.11 -6.62
N THR A 169 -9.63 0.26 -6.13
CA THR A 169 -8.44 0.55 -6.95
C THR A 169 -7.25 -0.22 -6.36
N PHE A 170 -6.87 -1.31 -7.02
CA PHE A 170 -6.02 -2.40 -6.46
C PHE A 170 -4.54 -2.04 -6.59
N PRO A 171 -3.70 -2.49 -5.63
CA PRO A 171 -2.27 -2.22 -5.68
C PRO A 171 -1.56 -2.99 -6.81
N ALA A 172 -0.88 -2.25 -7.68
CA ALA A 172 0.08 -2.75 -8.70
C ALA A 172 0.75 -4.03 -8.20
N VAL A 173 0.78 -5.06 -9.05
CA VAL A 173 1.68 -6.23 -8.90
C VAL A 173 2.72 -6.19 -10.02
N LEU A 174 3.93 -6.68 -9.73
CA LEU A 174 5.04 -6.84 -10.70
C LEU A 174 4.94 -8.24 -11.33
N GLN A 175 4.98 -8.32 -12.66
CA GLN A 175 5.15 -9.59 -13.40
C GLN A 175 6.65 -9.84 -13.54
N SER A 176 7.35 -8.95 -14.24
CA SER A 176 8.80 -9.02 -14.55
C SER A 176 9.28 -7.69 -15.13
N ASP A 177 9.52 -6.70 -14.27
CA ASP A 177 9.93 -5.35 -14.66
C ASP A 177 8.83 -4.61 -15.40
N LEU A 178 7.58 -5.06 -15.18
CA LEU A 178 6.35 -4.51 -15.79
C LEU A 178 5.26 -4.54 -14.72
N TYR A 179 4.75 -3.37 -14.30
CA TYR A 179 3.68 -3.23 -13.28
C TYR A 179 2.31 -3.24 -13.98
N THR A 180 1.36 -4.01 -13.43
CA THR A 180 -0.06 -4.02 -13.88
C THR A 180 -0.95 -3.66 -12.68
N LEU A 181 -2.01 -2.89 -12.94
CA LEU A 181 -2.85 -2.24 -11.91
C LEU A 181 -4.31 -2.19 -12.38
N SER A 182 -5.21 -2.89 -11.67
CA SER A 182 -6.68 -2.90 -11.92
C SER A 182 -7.38 -1.92 -10.97
N SER A 183 -8.57 -1.45 -11.37
CA SER A 183 -9.53 -0.69 -10.53
C SER A 183 -10.96 -0.98 -11.00
N SER A 184 -11.92 -1.02 -10.07
CA SER A 184 -13.35 -1.33 -10.32
C SER A 184 -14.22 -0.18 -9.79
N VAL A 185 -15.55 -0.35 -9.87
CA VAL A 185 -16.57 0.61 -9.37
C VAL A 185 -17.96 -0.03 -9.56
N THR A 186 -18.83 0.07 -8.55
CA THR A 186 -20.22 -0.42 -8.58
C THR A 186 -21.18 0.78 -8.68
N VAL A 187 -22.36 0.57 -9.27
CA VAL A 187 -23.39 1.61 -9.51
C VAL A 187 -24.76 0.94 -9.38
N THR A 188 -25.81 1.73 -9.12
CA THR A 188 -27.22 1.30 -9.29
C THR A 188 -27.43 1.03 -10.79
N SER A 189 -28.25 0.02 -11.13
CA SER A 189 -28.60 -0.33 -12.53
C SER A 189 -29.36 0.83 -13.19
N SER A 190 -29.69 1.88 -12.43
CA SER A 190 -30.33 3.14 -12.90
C SER A 190 -29.32 4.04 -13.61
N THR A 191 -28.11 4.18 -13.04
CA THR A 191 -27.07 5.15 -13.50
C THR A 191 -26.27 4.57 -14.68
N TRP A 192 -26.19 3.25 -14.81
CA TRP A 192 -25.60 2.57 -16.02
C TRP A 192 -26.65 1.65 -16.63
N PRO A 193 -26.74 1.53 -17.98
CA PRO A 193 -25.75 2.10 -18.90
C PRO A 193 -25.83 3.61 -19.19
N SER A 194 -26.79 4.33 -18.58
CA SER A 194 -27.12 5.74 -18.91
C SER A 194 -25.88 6.65 -18.77
N GLN A 195 -25.49 7.00 -17.54
CA GLN A 195 -24.32 7.88 -17.28
C GLN A 195 -23.03 7.14 -17.63
N SER A 196 -22.54 7.30 -18.87
CA SER A 196 -21.25 6.74 -19.35
C SER A 196 -20.11 7.28 -18.48
N ILE A 197 -19.17 6.41 -18.09
CA ILE A 197 -18.10 6.70 -17.08
C ILE A 197 -16.73 6.59 -17.77
N THR A 198 -15.76 7.40 -17.34
CA THR A 198 -14.36 7.42 -17.86
C THR A 198 -13.37 7.50 -16.67
N CYS A 199 -12.51 6.50 -16.52
CA CYS A 199 -11.37 6.48 -15.55
C CYS A 199 -10.19 7.23 -16.15
N ASN A 200 -9.84 8.39 -15.58
CA ASN A 200 -8.61 9.14 -15.94
C ASN A 200 -7.44 8.54 -15.16
N VAL A 201 -6.35 8.20 -15.87
CA VAL A 201 -5.10 7.65 -15.26
C VAL A 201 -3.92 8.43 -15.83
N ALA A 202 -2.91 8.71 -15.00
CA ALA A 202 -1.70 9.49 -15.34
C ALA A 202 -0.45 8.80 -14.77
N HIS A 203 0.55 8.57 -15.62
CA HIS A 203 1.88 8.01 -15.23
C HIS A 203 2.84 9.15 -14.92
N PRO A 204 3.58 9.11 -13.79
CA PRO A 204 4.50 10.20 -13.43
C PRO A 204 5.66 10.40 -14.42
N ALA A 205 6.41 9.32 -14.71
CA ALA A 205 7.68 9.35 -15.47
C ALA A 205 7.42 9.77 -16.93
N SER A 206 6.67 8.95 -17.68
CA SER A 206 6.36 9.16 -19.12
C SER A 206 5.44 10.38 -19.30
N SER A 207 4.73 10.78 -18.24
CA SER A 207 3.75 11.90 -18.20
C SER A 207 2.52 11.58 -19.07
N THR A 208 2.36 10.31 -19.46
CA THR A 208 1.25 9.83 -20.33
C THR A 208 -0.05 9.88 -19.51
N LYS A 209 -1.13 10.40 -20.11
CA LYS A 209 -2.43 10.65 -19.42
C LYS A 209 -3.59 10.41 -20.41
N VAL A 210 -3.72 9.18 -20.92
CA VAL A 210 -4.83 8.77 -21.85
C VAL A 210 -6.06 8.43 -21.00
N ASP A 211 -7.22 9.00 -21.36
CA ASP A 211 -8.52 8.66 -20.77
C ASP A 211 -9.17 7.55 -21.60
N LYS A 212 -10.16 6.87 -21.01
CA LYS A 212 -10.87 5.73 -21.64
C LYS A 212 -12.23 5.54 -20.96
N LYS A 213 -13.29 6.09 -21.57
CA LYS A 213 -14.71 5.84 -21.20
C LYS A 213 -14.99 4.34 -21.32
N ILE A 214 -15.87 3.80 -20.46
CA ILE A 214 -16.26 2.37 -20.46
C ILE A 214 -17.23 2.12 -21.63
N GLU A 215 -16.92 1.16 -22.51
CA GLU A 215 -17.70 0.86 -23.71
C GLU A 215 -19.01 0.15 -23.37
N PRO A 216 -20.00 0.13 -24.30
CA PRO A 216 -21.30 -0.49 -24.04
C PRO A 216 -21.22 -1.99 -23.66
N ARG A 217 -21.12 -2.87 -24.66
CA ARG A 217 -21.31 -4.32 -24.46
C ARG A 217 -19.97 -5.01 -24.32
N ILE B 2 19.90 -4.49 18.79
CA ILE B 2 18.66 -4.71 19.62
C ILE B 2 17.47 -5.00 18.70
N VAL B 3 17.21 -6.28 18.38
CA VAL B 3 16.00 -6.69 17.62
C VAL B 3 14.78 -6.49 18.51
N LEU B 4 13.82 -5.68 18.06
CA LEU B 4 12.47 -5.58 18.66
C LEU B 4 11.59 -6.60 17.93
N THR B 5 10.63 -7.19 18.62
CA THR B 5 9.86 -8.37 18.17
C THR B 5 8.38 -8.14 18.44
N GLN B 6 7.59 -7.95 17.39
CA GLN B 6 6.14 -7.71 17.56
C GLN B 6 5.37 -8.92 17.03
N SER B 7 4.93 -9.79 17.95
CA SER B 7 3.94 -10.86 17.72
C SER B 7 2.58 -10.40 18.25
N PRO B 8 1.43 -10.70 17.58
CA PRO B 8 1.41 -11.16 16.19
C PRO B 8 1.71 -9.99 15.24
N ALA B 9 1.98 -10.28 13.96
CA ALA B 9 2.35 -9.28 12.93
C ALA B 9 1.07 -8.68 12.34
N ILE B 10 -0.04 -9.39 12.49
CA ILE B 10 -1.37 -8.97 12.01
C ILE B 10 -2.42 -9.62 12.92
N MET B 11 -3.35 -8.82 13.40
CA MET B 11 -4.46 -9.29 14.27
C MET B 11 -5.72 -8.47 13.96
N SER B 12 -6.82 -8.83 14.62
CA SER B 12 -8.18 -8.34 14.35
C SER B 12 -8.91 -8.23 15.68
N ALA B 13 -9.74 -7.20 15.83
CA ALA B 13 -10.61 -7.00 17.01
C ALA B 13 -11.83 -6.19 16.60
N SER B 14 -12.97 -6.49 17.26
CA SER B 14 -14.27 -5.81 17.08
C SER B 14 -14.28 -4.57 17.97
N PRO B 15 -14.73 -3.40 17.46
CA PRO B 15 -14.88 -2.21 18.29
C PRO B 15 -15.53 -2.56 19.64
N GLY B 16 -15.00 -2.02 20.73
CA GLY B 16 -15.49 -2.29 22.11
C GLY B 16 -14.56 -3.23 22.87
N GLU B 17 -13.94 -4.18 22.16
CA GLU B 17 -12.96 -5.08 22.75
C GLU B 17 -11.72 -4.33 23.25
N LYS B 18 -11.02 -4.93 24.21
CA LYS B 18 -9.64 -4.54 24.59
C LYS B 18 -8.67 -5.09 23.54
N VAL B 19 -7.59 -4.36 23.28
CA VAL B 19 -6.47 -4.80 22.40
C VAL B 19 -5.17 -4.49 23.16
N THR B 20 -4.33 -5.51 23.36
CA THR B 20 -2.98 -5.39 23.97
C THR B 20 -1.96 -5.87 22.93
N LEU B 21 -1.21 -4.94 22.33
CA LEU B 21 -0.04 -5.28 21.49
C LEU B 21 1.18 -5.38 22.43
N THR B 22 2.20 -6.15 22.05
CA THR B 22 3.40 -6.41 22.88
C THR B 22 4.68 -6.28 22.05
N CYS B 23 5.73 -5.75 22.67
CA CYS B 23 7.06 -5.46 22.08
C CYS B 23 8.11 -6.03 23.03
N SER B 24 8.98 -6.89 22.52
CA SER B 24 10.01 -7.62 23.31
C SER B 24 11.40 -7.33 22.73
N ALA B 25 12.27 -6.73 23.54
CA ALA B 25 13.60 -6.22 23.14
C ALA B 25 14.63 -7.34 23.27
N SER B 26 15.38 -7.59 22.19
CA SER B 26 16.64 -8.38 22.17
C SER B 26 17.33 -8.27 23.54
N SER B 27 17.46 -7.03 24.02
CA SER B 27 18.27 -6.64 25.20
C SER B 27 17.67 -5.38 25.85
N GLY B 28 17.84 -5.23 27.17
CA GLY B 28 17.20 -4.19 28.00
C GLY B 28 17.38 -2.76 27.49
N ILE B 29 16.38 -1.92 27.69
CA ILE B 29 16.29 -0.52 27.17
C ILE B 29 15.54 0.36 28.19
N GLY B 30 15.92 1.64 28.26
CA GLY B 30 15.31 2.61 29.20
C GLY B 30 13.87 2.89 28.85
N PHE B 31 13.54 2.86 27.57
CA PHE B 31 12.26 3.34 27.01
C PHE B 31 12.01 2.71 25.64
N ILE B 32 10.75 2.35 25.41
CA ILE B 32 10.17 1.97 24.09
C ILE B 32 9.30 3.14 23.62
N HIS B 33 9.13 3.29 22.31
CA HIS B 33 8.26 4.32 21.68
C HIS B 33 7.43 3.66 20.60
N TRP B 34 6.14 4.01 20.52
CA TRP B 34 5.14 3.43 19.60
C TRP B 34 4.74 4.46 18.54
N TYR B 35 4.77 4.06 17.27
CA TYR B 35 4.31 4.86 16.11
C TYR B 35 3.09 4.15 15.51
N GLN B 36 2.04 4.91 15.21
CA GLN B 36 0.84 4.48 14.45
C GLN B 36 1.06 4.90 13.01
N GLN B 37 1.04 3.97 12.06
CA GLN B 37 1.02 4.29 10.61
C GLN B 37 -0.25 3.70 9.99
N LYS B 38 -0.95 4.52 9.20
CA LYS B 38 -2.08 4.09 8.33
C LYS B 38 -1.61 4.14 6.88
N PRO B 39 -2.30 3.47 5.95
CA PRO B 39 -1.77 3.31 4.59
C PRO B 39 -1.75 4.66 3.85
N GLY B 40 -0.56 5.08 3.41
CA GLY B 40 -0.34 6.29 2.59
C GLY B 40 -0.13 7.52 3.44
N THR B 41 0.61 7.37 4.53
CA THR B 41 1.07 8.46 5.45
C THR B 41 2.44 8.08 6.02
N SER B 42 3.10 9.02 6.69
CA SER B 42 4.27 8.74 7.57
C SER B 42 3.74 8.09 8.83
N PRO B 43 4.57 7.32 9.56
CA PRO B 43 4.25 6.97 10.95
C PRO B 43 4.12 8.25 11.78
N LYS B 44 3.10 8.29 12.64
CA LYS B 44 2.89 9.34 13.67
C LYS B 44 3.34 8.79 15.01
N ARG B 45 4.05 9.59 15.81
CA ARG B 45 4.34 9.24 17.18
C ARG B 45 3.05 9.19 17.95
N TRP B 46 2.93 8.17 18.81
CA TRP B 46 1.63 7.76 19.42
C TRP B 46 1.76 7.67 20.94
N ILE B 47 2.58 6.74 21.42
CA ILE B 47 3.01 6.67 22.85
C ILE B 47 4.53 6.73 22.82
N TYR B 48 5.14 7.58 23.64
CA TYR B 48 6.62 7.70 23.77
C TYR B 48 7.01 7.61 25.25
N ASP B 49 8.32 7.48 25.49
CA ASP B 49 8.86 7.20 26.80
C ASP B 49 7.98 6.17 27.50
N THR B 50 7.68 5.08 26.78
CA THR B 50 7.00 3.85 27.29
C THR B 50 5.51 4.11 27.54
N SER B 51 5.22 5.24 28.20
CA SER B 51 3.97 5.52 28.94
C SER B 51 3.21 6.70 28.33
N ILE B 52 3.95 7.74 27.98
CA ILE B 52 3.44 9.13 27.72
C ILE B 52 2.76 9.16 26.36
N LEU B 53 1.45 9.39 26.39
CA LEU B 53 0.59 9.60 25.21
C LEU B 53 0.98 10.92 24.53
N ALA B 54 1.25 10.89 23.22
CA ALA B 54 1.38 12.05 22.33
C ALA B 54 0.12 12.89 22.41
N SER B 55 0.23 14.19 22.15
CA SER B 55 -0.94 15.11 22.03
C SER B 55 -1.77 14.62 20.86
N GLY B 56 -3.10 14.63 21.02
CA GLY B 56 -4.06 14.13 20.02
C GLY B 56 -4.56 12.74 20.37
N VAL B 57 -3.74 11.92 21.02
CA VAL B 57 -4.01 10.45 21.15
C VAL B 57 -5.03 10.20 22.23
N PRO B 58 -6.16 9.55 21.89
CA PRO B 58 -7.21 9.24 22.85
C PRO B 58 -6.77 8.52 24.13
N ALA B 59 -7.50 8.72 25.23
CA ALA B 59 -7.21 8.19 26.59
C ALA B 59 -7.36 6.68 26.62
N ARG B 60 -8.09 6.09 25.66
CA ARG B 60 -8.26 4.65 25.60
C ARG B 60 -6.91 3.96 25.42
N PHE B 61 -6.01 4.59 24.64
CA PHE B 61 -4.61 4.15 24.47
C PHE B 61 -3.84 4.33 25.78
N SER B 62 -3.09 3.30 26.16
CA SER B 62 -2.11 3.31 27.27
C SER B 62 -0.83 2.59 26.83
N GLY B 63 0.29 2.93 27.47
CA GLY B 63 1.60 2.31 27.26
C GLY B 63 2.22 1.88 28.58
N SER B 64 2.38 0.58 28.79
CA SER B 64 3.05 0.00 29.96
C SER B 64 4.36 -0.65 29.51
N GLY B 65 5.26 -0.93 30.46
CA GLY B 65 6.41 -1.82 30.23
C GLY B 65 7.62 -1.43 31.06
N SER B 66 8.72 -2.16 30.89
CA SER B 66 9.95 -2.06 31.70
C SER B 66 11.04 -2.97 31.13
N GLU B 67 12.28 -2.51 31.15
CA GLU B 67 13.46 -3.29 30.77
C GLU B 67 13.32 -3.87 29.38
N THR B 68 12.69 -5.03 29.28
CA THR B 68 12.79 -5.93 28.09
C THR B 68 11.41 -6.29 27.53
N SER B 69 10.32 -6.20 28.30
CA SER B 69 8.94 -6.42 27.79
C SER B 69 8.11 -5.13 27.92
N TYR B 70 7.38 -4.78 26.87
CA TYR B 70 6.49 -3.60 26.77
C TYR B 70 5.17 -4.02 26.11
N SER B 71 4.10 -3.28 26.40
CA SER B 71 2.75 -3.49 25.81
C SER B 71 2.02 -2.15 25.65
N LEU B 72 1.34 -1.99 24.52
CA LEU B 72 0.39 -0.88 24.23
C LEU B 72 -1.01 -1.47 24.32
N THR B 73 -1.92 -0.82 25.04
CA THR B 73 -3.28 -1.35 25.31
C THR B 73 -4.34 -0.31 24.95
N ILE B 74 -5.12 -0.58 23.90
CA ILE B 74 -6.38 0.14 23.58
C ILE B 74 -7.45 -0.45 24.50
N THR B 75 -8.06 0.39 25.36
CA THR B 75 -9.05 -0.05 26.37
C THR B 75 -10.36 -0.45 25.67
N ILE B 76 -10.80 0.35 24.70
CA ILE B 76 -12.09 0.20 23.96
C ILE B 76 -11.82 0.46 22.48
N MET B 77 -11.38 -0.57 21.77
CA MET B 77 -11.10 -0.56 20.30
C MET B 77 -12.15 0.30 19.58
N GLU B 78 -11.74 1.10 18.59
CA GLU B 78 -12.64 1.85 17.70
C GLU B 78 -12.13 1.68 16.27
N ALA B 79 -13.05 1.55 15.31
CA ALA B 79 -12.71 1.53 13.86
C ALA B 79 -11.54 2.49 13.59
N GLU B 80 -11.63 3.70 14.16
CA GLU B 80 -10.59 4.74 14.11
C GLU B 80 -9.15 4.22 14.31
N ASP B 81 -8.98 3.26 15.23
CA ASP B 81 -7.68 2.72 15.69
C ASP B 81 -7.00 1.69 14.80
N ALA B 82 -7.70 1.22 13.77
CA ALA B 82 -7.19 0.22 12.81
C ALA B 82 -6.06 0.86 11.98
N ALA B 83 -4.84 0.44 12.28
CA ALA B 83 -3.59 0.87 11.62
C ALA B 83 -2.49 -0.12 12.01
N THR B 84 -1.30 0.00 11.44
CA THR B 84 -0.11 -0.76 11.90
C THR B 84 0.59 0.08 12.97
N TYR B 85 0.94 -0.56 14.10
CA TYR B 85 1.58 0.06 15.29
C TYR B 85 2.99 -0.49 15.47
N TYR B 86 4.00 0.22 14.96
CA TYR B 86 5.44 -0.09 15.14
C TYR B 86 5.88 0.32 16.56
N CYS B 87 6.64 -0.53 17.25
CA CYS B 87 7.40 -0.15 18.48
C CYS B 87 8.83 0.20 18.03
N HIS B 88 9.61 0.89 18.86
CA HIS B 88 10.91 1.50 18.44
C HIS B 88 11.73 1.93 19.66
N GLN B 89 13.02 1.63 19.65
CA GLN B 89 13.97 2.07 20.70
C GLN B 89 15.12 2.84 20.06
N ARG B 90 15.69 3.80 20.81
CA ARG B 90 16.85 4.59 20.40
C ARG B 90 17.82 4.74 21.55
N SER B 91 17.87 3.71 22.40
CA SER B 91 18.80 3.60 23.55
C SER B 91 20.19 3.21 23.01
N SER B 92 20.28 2.08 22.33
CA SER B 92 21.38 1.72 21.40
C SER B 92 20.93 2.09 19.99
N TYR B 93 21.73 1.83 18.96
CA TYR B 93 21.44 2.23 17.55
C TYR B 93 19.95 2.06 17.25
N PRO B 94 19.24 3.10 16.74
CA PRO B 94 17.82 3.01 16.44
C PRO B 94 17.39 1.77 15.65
N THR B 95 16.27 1.18 16.07
CA THR B 95 15.65 -0.03 15.49
C THR B 95 14.13 0.12 15.59
N PHE B 96 13.38 -0.76 14.93
CA PHE B 96 11.89 -0.82 14.97
C PHE B 96 11.46 -2.28 15.07
N GLY B 97 10.22 -2.51 15.48
CA GLY B 97 9.56 -3.81 15.29
C GLY B 97 9.08 -3.92 13.85
N GLY B 98 8.62 -5.11 13.47
CA GLY B 98 7.89 -5.34 12.21
C GLY B 98 6.47 -4.81 12.30
N GLY B 99 6.06 -4.38 13.50
CA GLY B 99 4.73 -3.81 13.76
C GLY B 99 3.66 -4.88 13.69
N THR B 100 2.72 -4.88 14.64
CA THR B 100 1.44 -5.61 14.50
C THR B 100 0.46 -4.69 13.76
N LYS B 101 -0.37 -5.30 12.91
CA LYS B 101 -1.38 -4.60 12.08
C LYS B 101 -2.76 -4.89 12.67
N LEU B 102 -3.51 -3.85 13.03
CA LEU B 102 -4.86 -3.99 13.59
C LEU B 102 -5.89 -3.79 12.47
N GLU B 103 -6.74 -4.80 12.27
CA GLU B 103 -7.83 -4.78 11.32
C GLU B 103 -9.10 -4.90 12.15
N ILE B 104 -10.20 -4.37 11.60
CA ILE B 104 -11.52 -4.27 12.29
C ILE B 104 -12.30 -5.55 12.00
N LYS B 105 -12.63 -6.34 13.04
CA LYS B 105 -13.43 -7.59 12.90
C LYS B 105 -14.88 -7.23 12.52
N ARG B 106 -15.36 -7.81 11.42
CA ARG B 106 -16.70 -7.62 10.89
C ARG B 106 -17.46 -8.93 10.98
N ALA B 107 -18.76 -8.88 10.67
CA ALA B 107 -19.61 -10.07 10.42
C ALA B 107 -19.21 -10.65 9.06
N ASP B 108 -19.43 -11.96 8.86
CA ASP B 108 -19.02 -12.62 7.62
C ASP B 108 -19.84 -12.08 6.45
N ALA B 109 -19.16 -11.81 5.33
CA ALA B 109 -19.75 -11.39 4.04
C ALA B 109 -19.13 -12.23 2.90
N ALA B 110 -19.95 -12.66 1.93
CA ALA B 110 -19.50 -13.29 0.68
C ALA B 110 -19.35 -12.22 -0.40
N PRO B 111 -18.56 -12.45 -1.46
CA PRO B 111 -18.15 -11.40 -2.39
C PRO B 111 -19.09 -11.22 -3.57
N THR B 112 -19.17 -10.00 -4.11
CA THR B 112 -19.82 -9.68 -5.41
C THR B 112 -18.79 -9.95 -6.52
N VAL B 113 -18.70 -11.22 -6.95
CA VAL B 113 -17.82 -11.71 -8.05
C VAL B 113 -18.27 -11.06 -9.37
N SER B 114 -17.32 -10.74 -10.24
CA SER B 114 -17.58 -10.19 -11.61
C SER B 114 -16.44 -10.60 -12.55
N ILE B 115 -16.76 -11.36 -13.60
CA ILE B 115 -15.82 -11.77 -14.68
C ILE B 115 -16.05 -10.85 -15.88
N PHE B 116 -14.97 -10.47 -16.57
CA PHE B 116 -14.98 -9.55 -17.74
C PHE B 116 -14.02 -10.07 -18.80
N PRO B 117 -14.47 -10.31 -20.04
CA PRO B 117 -13.58 -10.73 -21.12
C PRO B 117 -12.80 -9.54 -21.66
N PRO B 118 -11.55 -9.75 -22.13
CA PRO B 118 -10.73 -8.67 -22.69
C PRO B 118 -11.43 -7.55 -23.46
N SER B 119 -10.97 -6.31 -23.28
CA SER B 119 -11.33 -5.13 -24.09
C SER B 119 -10.92 -5.38 -25.55
N SER B 120 -11.50 -4.62 -26.49
CA SER B 120 -11.19 -4.70 -27.94
C SER B 120 -9.74 -4.28 -28.21
N GLU B 121 -9.25 -3.26 -27.48
CA GLU B 121 -7.89 -2.73 -27.65
C GLU B 121 -6.79 -3.65 -27.11
N GLN B 122 -7.16 -4.51 -26.15
CA GLN B 122 -6.27 -5.54 -25.54
C GLN B 122 -6.17 -6.74 -26.48
N LEU B 123 -7.32 -7.27 -26.92
CA LEU B 123 -7.41 -8.37 -27.93
C LEU B 123 -6.71 -7.94 -29.22
N THR B 124 -6.77 -6.64 -29.56
CA THR B 124 -6.06 -6.00 -30.70
C THR B 124 -4.55 -6.22 -30.56
N SER B 125 -4.00 -5.85 -29.39
CA SER B 125 -2.55 -5.88 -29.06
C SER B 125 -1.97 -7.31 -29.20
N GLY B 126 -2.81 -8.34 -29.07
CA GLY B 126 -2.45 -9.76 -29.27
C GLY B 126 -2.20 -10.50 -27.96
N GLY B 127 -2.85 -10.06 -26.89
CA GLY B 127 -2.75 -10.67 -25.54
C GLY B 127 -4.05 -10.53 -24.77
N ALA B 128 -4.65 -11.67 -24.39
CA ALA B 128 -5.88 -11.73 -23.57
C ALA B 128 -5.52 -11.71 -22.09
N SER B 129 -6.21 -10.87 -21.29
CA SER B 129 -6.24 -10.91 -19.82
C SER B 129 -7.70 -10.83 -19.35
N VAL B 130 -8.19 -11.91 -18.72
CA VAL B 130 -9.60 -12.00 -18.21
C VAL B 130 -9.59 -11.68 -16.72
N VAL B 131 -10.33 -10.64 -16.33
CA VAL B 131 -10.35 -10.05 -14.95
C VAL B 131 -11.57 -10.58 -14.19
N CYS B 132 -11.38 -11.03 -12.96
CA CYS B 132 -12.45 -11.31 -11.96
C CYS B 132 -12.28 -10.39 -10.75
N PHE B 133 -13.30 -9.56 -10.47
CA PHE B 133 -13.38 -8.67 -9.29
C PHE B 133 -14.25 -9.35 -8.20
N LEU B 134 -13.60 -10.06 -7.26
CA LEU B 134 -14.28 -10.63 -6.07
C LEU B 134 -14.33 -9.54 -4.99
N ASN B 135 -15.44 -8.80 -4.91
CA ASN B 135 -15.51 -7.48 -4.21
C ASN B 135 -16.38 -7.60 -2.94
N ASN B 136 -15.85 -7.07 -1.83
CA ASN B 136 -16.59 -6.76 -0.57
C ASN B 136 -16.97 -8.04 0.16
N PHE B 137 -15.98 -8.76 0.69
CA PHE B 137 -16.16 -9.98 1.49
C PHE B 137 -15.41 -9.83 2.82
N TYR B 138 -15.62 -10.78 3.72
CA TYR B 138 -14.94 -10.91 5.03
C TYR B 138 -15.26 -12.30 5.59
N PRO B 139 -14.26 -13.08 6.07
CA PRO B 139 -12.88 -12.63 6.24
C PRO B 139 -12.03 -12.38 4.98
N LYS B 140 -10.88 -11.74 5.19
CA LYS B 140 -9.75 -11.55 4.25
C LYS B 140 -9.50 -12.84 3.45
N ASP B 141 -9.55 -13.98 4.14
CA ASP B 141 -9.08 -15.27 3.64
C ASP B 141 -9.98 -15.84 2.53
N ILE B 142 -9.47 -15.83 1.30
CA ILE B 142 -10.14 -16.37 0.08
C ILE B 142 -9.08 -17.02 -0.81
N ASN B 143 -9.47 -18.06 -1.56
CA ASN B 143 -8.69 -18.58 -2.71
C ASN B 143 -9.63 -18.66 -3.93
N VAL B 144 -9.11 -18.23 -5.08
CA VAL B 144 -9.80 -18.32 -6.41
C VAL B 144 -9.06 -19.37 -7.23
N LYS B 145 -9.80 -20.14 -8.03
CA LYS B 145 -9.25 -21.09 -9.03
C LYS B 145 -10.01 -20.89 -10.35
N TRP B 146 -9.28 -20.93 -11.48
CA TRP B 146 -9.84 -20.79 -12.84
C TRP B 146 -10.02 -22.18 -13.47
N LYS B 147 -10.83 -22.27 -14.52
CA LYS B 147 -11.04 -23.50 -15.34
C LYS B 147 -11.17 -23.11 -16.81
N ILE B 148 -10.05 -23.17 -17.54
CA ILE B 148 -9.99 -22.89 -19.02
C ILE B 148 -10.60 -24.11 -19.73
N ASP B 149 -11.90 -24.04 -20.05
CA ASP B 149 -12.69 -25.15 -20.60
C ASP B 149 -12.86 -26.32 -19.62
N GLY B 150 -13.16 -25.99 -18.35
CA GLY B 150 -13.54 -26.95 -17.30
C GLY B 150 -12.35 -27.52 -16.55
N SER B 151 -11.13 -27.40 -17.10
CA SER B 151 -9.88 -28.02 -16.57
C SER B 151 -9.06 -26.95 -15.82
N GLU B 152 -8.75 -27.22 -14.55
CA GLU B 152 -8.21 -26.22 -13.63
C GLU B 152 -6.82 -25.67 -13.99
N ARG B 153 -6.80 -24.49 -14.62
CA ARG B 153 -5.58 -23.85 -15.13
C ARG B 153 -5.27 -22.60 -14.30
N GLN B 154 -4.15 -22.65 -13.58
CA GLN B 154 -3.77 -21.65 -12.53
C GLN B 154 -2.39 -21.04 -12.84
N ASN B 155 -2.13 -20.69 -14.10
CA ASN B 155 -0.84 -20.11 -14.57
C ASN B 155 -1.13 -18.88 -15.44
N GLY B 156 -0.49 -17.76 -15.12
CA GLY B 156 -0.76 -16.42 -15.68
C GLY B 156 -1.75 -15.64 -14.82
N VAL B 157 -1.83 -15.97 -13.53
CA VAL B 157 -2.87 -15.45 -12.57
C VAL B 157 -2.23 -14.38 -11.68
N LEU B 158 -2.53 -13.09 -11.95
CA LEU B 158 -2.06 -11.92 -11.15
C LEU B 158 -3.14 -11.50 -10.15
N ASN B 159 -3.02 -11.95 -8.90
CA ASN B 159 -3.95 -11.62 -7.78
C ASN B 159 -3.42 -10.38 -7.03
N SER B 160 -4.34 -9.51 -6.61
CA SER B 160 -4.08 -8.23 -5.90
C SER B 160 -5.25 -7.91 -4.97
N TRP B 161 -5.01 -7.85 -3.66
CA TRP B 161 -6.03 -7.48 -2.63
C TRP B 161 -5.96 -5.98 -2.33
N THR B 162 -6.98 -5.44 -1.67
CA THR B 162 -7.03 -4.05 -1.15
C THR B 162 -6.89 -4.07 0.37
N ASP B 163 -6.38 -2.97 0.94
CA ASP B 163 -6.40 -2.75 2.37
C ASP B 163 -7.88 -2.62 2.77
N GLN B 164 -8.21 -3.17 3.95
CA GLN B 164 -9.58 -3.22 4.54
C GLN B 164 -10.30 -1.88 4.31
N ASP B 165 -11.61 -1.92 4.06
CA ASP B 165 -12.39 -0.73 3.74
C ASP B 165 -12.67 0.14 4.97
N SER B 166 -12.68 1.45 4.75
CA SER B 166 -12.92 2.49 5.79
C SER B 166 -14.38 2.47 6.21
N LYS B 167 -15.30 2.41 5.24
CA LYS B 167 -16.77 2.37 5.48
C LYS B 167 -17.15 0.97 5.97
N ASP B 168 -17.17 -0.02 5.08
CA ASP B 168 -17.75 -1.35 5.36
C ASP B 168 -16.82 -2.32 6.08
N SER B 169 -15.52 -2.01 6.13
CA SER B 169 -14.44 -2.84 6.74
C SER B 169 -14.51 -4.27 6.17
N THR B 170 -14.54 -4.38 4.85
CA THR B 170 -14.46 -5.64 4.07
C THR B 170 -13.22 -5.59 3.19
N TYR B 171 -12.74 -6.77 2.77
CA TYR B 171 -11.63 -6.92 1.79
C TYR B 171 -12.23 -7.20 0.41
N SER B 172 -11.42 -7.04 -0.63
CA SER B 172 -11.80 -7.12 -2.07
C SER B 172 -10.56 -7.51 -2.89
N MET B 173 -10.73 -8.28 -3.97
CA MET B 173 -9.60 -8.88 -4.72
C MET B 173 -9.82 -8.75 -6.24
N SER B 174 -8.72 -8.77 -7.00
CA SER B 174 -8.68 -8.62 -8.48
C SER B 174 -7.75 -9.68 -9.07
N SER B 175 -8.35 -10.73 -9.66
CA SER B 175 -7.67 -11.85 -10.38
C SER B 175 -7.56 -11.52 -11.87
N THR B 176 -6.37 -11.70 -12.46
CA THR B 176 -6.08 -11.44 -13.89
C THR B 176 -5.33 -12.63 -14.48
N LEU B 177 -6.06 -13.51 -15.18
CA LEU B 177 -5.51 -14.62 -16.00
C LEU B 177 -4.96 -14.01 -17.31
N THR B 178 -3.63 -14.07 -17.49
CA THR B 178 -2.90 -13.45 -18.62
C THR B 178 -2.42 -14.56 -19.58
N LEU B 179 -3.17 -14.77 -20.67
CA LEU B 179 -2.82 -15.66 -21.81
C LEU B 179 -2.30 -14.79 -22.97
N THR B 180 -2.15 -15.39 -24.15
CA THR B 180 -1.91 -14.70 -25.44
C THR B 180 -3.19 -14.79 -26.28
N LYS B 181 -3.23 -14.14 -27.45
CA LYS B 181 -4.40 -14.20 -28.38
C LYS B 181 -4.48 -15.63 -28.93
N ASP B 182 -3.36 -16.13 -29.47
CA ASP B 182 -3.23 -17.51 -29.96
C ASP B 182 -3.84 -18.50 -28.97
N GLU B 183 -3.54 -18.30 -27.68
CA GLU B 183 -4.04 -19.14 -26.60
C GLU B 183 -5.54 -18.94 -26.33
N TYR B 184 -6.00 -17.68 -26.35
CA TYR B 184 -7.41 -17.27 -26.10
C TYR B 184 -8.29 -17.73 -27.28
N GLU B 185 -7.72 -17.76 -28.49
CA GLU B 185 -8.40 -18.27 -29.69
C GLU B 185 -8.30 -19.81 -29.84
N ARG B 186 -7.98 -20.51 -28.74
CA ARG B 186 -7.83 -21.97 -28.71
C ARG B 186 -8.72 -22.69 -27.67
N HIS B 187 -9.66 -21.95 -27.05
CA HIS B 187 -10.59 -22.44 -26.01
C HIS B 187 -11.97 -21.76 -26.19
N ASN B 188 -12.94 -22.07 -25.33
CA ASN B 188 -14.31 -21.49 -25.37
C ASN B 188 -14.70 -20.99 -23.97
N SER B 189 -14.90 -21.91 -23.02
CA SER B 189 -15.38 -21.63 -21.65
C SER B 189 -14.28 -20.97 -20.80
N TYR B 190 -14.65 -19.96 -20.00
CA TYR B 190 -13.74 -19.20 -19.09
C TYR B 190 -14.50 -18.83 -17.81
N THR B 191 -14.36 -19.65 -16.77
CA THR B 191 -15.13 -19.60 -15.49
C THR B 191 -14.22 -19.12 -14.36
N CYS B 192 -14.81 -18.83 -13.19
CA CYS B 192 -14.19 -18.04 -12.09
C CYS B 192 -14.69 -18.54 -10.72
N GLU B 193 -14.03 -19.56 -10.17
CA GLU B 193 -14.46 -20.20 -8.94
C GLU B 193 -14.00 -19.41 -7.71
N ALA B 194 -14.96 -18.80 -7.02
CA ALA B 194 -14.79 -17.99 -5.79
C ALA B 194 -15.21 -18.82 -4.57
N THR B 195 -14.24 -19.48 -3.91
CA THR B 195 -14.44 -20.28 -2.68
C THR B 195 -14.13 -19.41 -1.45
N HIS B 196 -15.07 -19.36 -0.50
CA HIS B 196 -14.97 -18.56 0.75
C HIS B 196 -15.74 -19.26 1.88
N LYS B 197 -15.38 -18.93 3.13
CA LYS B 197 -15.95 -19.46 4.40
C LYS B 197 -17.48 -19.36 4.43
N THR B 198 -18.08 -18.41 3.70
CA THR B 198 -19.51 -18.01 3.81
C THR B 198 -20.46 -19.15 3.40
N SER B 199 -20.19 -19.85 2.30
CA SER B 199 -20.96 -21.05 1.86
C SER B 199 -19.98 -22.18 1.55
N THR B 200 -20.47 -23.43 1.60
CA THR B 200 -19.78 -24.64 1.09
C THR B 200 -19.86 -24.60 -0.44
N SER B 201 -20.98 -24.08 -0.97
CA SER B 201 -21.25 -23.89 -2.43
C SER B 201 -20.55 -22.64 -2.93
N PRO B 202 -19.53 -22.79 -3.83
CA PRO B 202 -18.88 -21.64 -4.49
C PRO B 202 -19.83 -20.65 -5.20
N ILE B 203 -19.29 -19.49 -5.58
CA ILE B 203 -20.01 -18.38 -6.29
C ILE B 203 -19.34 -18.16 -7.66
N VAL B 204 -19.84 -18.83 -8.71
CA VAL B 204 -19.20 -18.88 -10.06
C VAL B 204 -19.77 -17.76 -10.94
N LYS B 205 -18.99 -17.35 -11.95
CA LYS B 205 -19.35 -16.34 -12.97
C LYS B 205 -18.52 -16.59 -14.23
N SER B 206 -19.15 -16.86 -15.37
CA SER B 206 -18.48 -17.35 -16.60
C SER B 206 -19.00 -16.65 -17.85
N PHE B 207 -18.35 -16.94 -18.98
CA PHE B 207 -18.67 -16.46 -20.35
C PHE B 207 -18.02 -17.44 -21.35
N ASN B 208 -18.80 -17.93 -22.32
CA ASN B 208 -18.29 -18.82 -23.41
C ASN B 208 -17.93 -17.95 -24.62
N ARG B 209 -16.76 -17.30 -24.56
CA ARG B 209 -16.36 -16.24 -25.49
C ARG B 209 -17.55 -15.29 -25.78
N ASN B 210 -17.79 -14.98 -27.07
CA ASN B 210 -18.77 -13.94 -27.49
C ASN B 210 -20.18 -14.54 -27.44
N GLU B 211 -21.18 -13.72 -27.09
CA GLU B 211 -22.58 -14.10 -27.07
C GLU B 211 -22.84 -15.29 -26.15
#